data_7PHT
#
_entry.id   7PHT
#
_cell.length_a   1.000
_cell.length_b   1.000
_cell.length_c   1.000
_cell.angle_alpha   90.00
_cell.angle_beta   90.00
_cell.angle_gamma   90.00
#
_symmetry.space_group_name_H-M   'P 1'
#
_entity_poly.entity_id   1
_entity_poly.type   'polypeptide(L)'
_entity_poly.pdbx_seq_one_letter_code
;NIAKIIIGPLIFVFLFSVVIGSIYLFLRKR
;
_entity_poly.pdbx_strand_id   A
#
# COMPACT_ATOMS: atom_id res chain seq x y z
N ASN A 1 -20.22 -3.81 13.40
CA ASN A 1 -18.94 -3.14 13.21
C ASN A 1 -19.09 -1.94 12.29
N ILE A 2 -18.00 -1.20 12.09
CA ILE A 2 -18.01 -0.04 11.23
C ILE A 2 -17.06 -0.21 10.05
N ALA A 3 -17.39 0.42 8.92
CA ALA A 3 -16.58 0.33 7.72
C ALA A 3 -15.23 1.02 7.92
N LYS A 4 -15.26 2.17 8.59
CA LYS A 4 -14.04 2.94 8.84
C LYS A 4 -12.97 2.06 9.48
N ILE A 5 -13.37 1.27 10.47
CA ILE A 5 -12.45 0.37 11.15
C ILE A 5 -11.67 -0.48 10.16
N ILE A 6 -12.34 -0.88 9.08
CA ILE A 6 -11.71 -1.71 8.05
C ILE A 6 -10.85 -0.86 7.12
N ILE A 7 -11.31 0.36 6.83
CA ILE A 7 -10.58 1.27 5.97
C ILE A 7 -9.21 1.59 6.53
N GLY A 8 -9.11 1.64 7.86
CA GLY A 8 -7.85 1.94 8.51
C GLY A 8 -6.71 1.08 7.98
N PRO A 9 -6.78 -0.23 8.25
CA PRO A 9 -5.75 -1.18 7.82
C PRO A 9 -5.77 -1.41 6.31
N LEU A 10 -6.95 -1.24 5.71
CA LEU A 10 -7.10 -1.43 4.27
C LEU A 10 -6.32 -0.36 3.50
N ILE A 11 -6.41 0.88 3.97
CA ILE A 11 -5.70 1.98 3.33
C ILE A 11 -4.22 1.98 3.69
N PHE A 12 -3.92 1.59 4.93
CA PHE A 12 -2.54 1.55 5.41
C PHE A 12 -1.74 0.52 4.62
N VAL A 13 -2.31 -0.67 4.43
CA VAL A 13 -1.65 -1.74 3.70
C VAL A 13 -1.66 -1.47 2.20
N PHE A 14 -2.74 -0.86 1.73
CA PHE A 14 -2.89 -0.54 0.31
C PHE A 14 -1.89 0.54 -0.11
N LEU A 15 -1.93 1.67 0.59
CA LEU A 15 -1.04 2.78 0.29
C LEU A 15 0.43 2.37 0.45
N PHE A 16 0.72 1.69 1.55
CA PHE A 16 2.08 1.22 1.83
C PHE A 16 2.55 0.23 0.76
N SER A 17 1.67 -0.70 0.40
CA SER A 17 2.00 -1.70 -0.59
C SER A 17 2.45 -1.04 -1.90
N VAL A 18 1.71 -0.01 -2.32
CA VAL A 18 2.03 0.70 -3.55
C VAL A 18 3.36 1.43 -3.43
N VAL A 19 3.54 2.16 -2.34
CA VAL A 19 4.77 2.90 -2.09
C VAL A 19 5.99 1.97 -2.16
N ILE A 20 6.05 1.02 -1.23
CA ILE A 20 7.16 0.09 -1.18
C ILE A 20 7.27 -0.71 -2.48
N GLY A 21 6.13 -1.20 -2.96
CA GLY A 21 6.12 -1.97 -4.20
C GLY A 21 6.75 -1.21 -5.35
N SER A 22 6.56 0.11 -5.38
CA SER A 22 7.11 0.93 -6.44
C SER A 22 8.60 0.70 -6.59
N ILE A 23 9.28 0.48 -5.47
CA ILE A 23 10.72 0.25 -5.47
C ILE A 23 11.07 -1.00 -6.28
N TYR A 24 10.24 -2.03 -6.14
CA TYR A 24 10.47 -3.28 -6.87
C TYR A 24 10.64 -3.04 -8.36
N LEU A 25 9.89 -2.07 -8.88
CA LEU A 25 9.96 -1.73 -10.30
C LEU A 25 11.11 -0.77 -10.56
N PHE A 26 11.25 0.23 -9.71
CA PHE A 26 12.32 1.22 -9.85
C PHE A 26 13.68 0.54 -9.96
N LEU A 27 13.96 -0.35 -9.02
CA LEU A 27 15.23 -1.07 -9.00
C LEU A 27 15.48 -1.75 -10.35
N ARG A 28 14.42 -2.28 -10.95
CA ARG A 28 14.54 -2.96 -12.23
C ARG A 28 14.76 -1.95 -13.36
N LYS A 29 14.21 -0.75 -13.18
CA LYS A 29 14.35 0.30 -14.18
C LYS A 29 15.77 0.83 -14.23
N ARG A 30 16.27 1.06 -15.44
CA ARG A 30 17.63 1.56 -15.63
C ARG A 30 17.69 2.50 -16.83
N ASN A 1 -18.78 -1.83 14.77
CA ASN A 1 -18.27 -2.41 13.54
C ASN A 1 -18.53 -1.49 12.34
N ILE A 2 -17.82 -0.37 12.31
CA ILE A 2 -17.97 0.61 11.23
C ILE A 2 -17.00 0.31 10.09
N ALA A 3 -17.39 0.67 8.87
CA ALA A 3 -16.56 0.45 7.70
C ALA A 3 -15.22 1.16 7.83
N LYS A 4 -15.26 2.39 8.34
CA LYS A 4 -14.04 3.18 8.52
C LYS A 4 -13.00 2.39 9.30
N ILE A 5 -13.44 1.60 10.27
CA ILE A 5 -12.54 0.80 11.08
C ILE A 5 -11.72 -0.15 10.20
N ILE A 6 -12.34 -0.66 9.15
CA ILE A 6 -11.66 -1.58 8.23
C ILE A 6 -10.83 -0.82 7.21
N ILE A 7 -11.33 0.33 6.78
CA ILE A 7 -10.64 1.15 5.81
C ILE A 7 -9.28 1.61 6.33
N GLY A 8 -9.20 1.82 7.65
CA GLY A 8 -7.95 2.24 8.25
C GLY A 8 -6.78 1.38 7.84
N PRO A 9 -6.78 0.11 8.27
CA PRO A 9 -5.72 -0.84 7.95
C PRO A 9 -5.72 -1.25 6.47
N LEU A 10 -6.91 -1.22 5.86
CA LEU A 10 -7.04 -1.58 4.45
C LEU A 10 -6.30 -0.58 3.57
N ILE A 11 -6.43 0.70 3.90
CA ILE A 11 -5.77 1.75 3.12
C ILE A 11 -4.29 1.89 3.52
N PHE A 12 -4.01 1.68 4.80
CA PHE A 12 -2.65 1.78 5.31
C PHE A 12 -1.76 0.70 4.68
N VAL A 13 -2.30 -0.51 4.59
CA VAL A 13 -1.55 -1.63 4.02
C VAL A 13 -1.49 -1.53 2.50
N PHE A 14 -2.64 -1.31 1.88
CA PHE A 14 -2.72 -1.19 0.43
C PHE A 14 -1.76 -0.12 -0.08
N LEU A 15 -1.78 1.04 0.58
CA LEU A 15 -0.90 2.14 0.19
C LEU A 15 0.56 1.78 0.40
N PHE A 16 0.87 1.28 1.59
CA PHE A 16 2.24 0.90 1.93
C PHE A 16 2.77 -0.14 0.94
N SER A 17 1.91 -1.06 0.55
CA SER A 17 2.28 -2.11 -0.39
C SER A 17 2.60 -1.53 -1.76
N VAL A 18 1.83 -0.53 -2.17
CA VAL A 18 2.03 0.12 -3.45
C VAL A 18 3.31 0.95 -3.47
N VAL A 19 3.44 1.84 -2.50
CA VAL A 19 4.62 2.70 -2.39
C VAL A 19 5.89 1.87 -2.39
N ILE A 20 6.02 0.97 -1.42
CA ILE A 20 7.19 0.11 -1.31
C ILE A 20 7.29 -0.83 -2.51
N GLY A 21 6.14 -1.31 -2.98
CA GLY A 21 6.12 -2.21 -4.11
C GLY A 21 6.72 -1.59 -5.36
N SER A 22 6.46 -0.29 -5.54
CA SER A 22 6.97 0.42 -6.71
C SER A 22 8.49 0.28 -6.82
N ILE A 23 9.16 0.30 -5.68
CA ILE A 23 10.61 0.17 -5.64
C ILE A 23 11.07 -1.09 -6.37
N TYR A 24 10.29 -2.15 -6.25
CA TYR A 24 10.61 -3.42 -6.91
C TYR A 24 10.88 -3.22 -8.39
N LEU A 25 10.03 -2.40 -9.03
CA LEU A 25 10.18 -2.12 -10.46
C LEU A 25 11.24 -1.05 -10.70
N PHE A 26 11.31 -0.08 -9.80
CA PHE A 26 12.29 1.00 -9.90
C PHE A 26 13.71 0.46 -9.86
N LEU A 27 13.91 -0.57 -9.03
CA LEU A 27 15.23 -1.18 -8.89
C LEU A 27 15.81 -1.56 -10.26
N ARG A 28 14.95 -2.08 -11.13
CA ARG A 28 15.38 -2.48 -12.47
C ARG A 28 15.21 -1.33 -13.46
N LYS A 29 14.22 -0.47 -13.20
CA LYS A 29 13.96 0.67 -14.07
C LYS A 29 15.19 1.57 -14.19
N ARG A 30 15.39 2.14 -15.36
CA ARG A 30 16.52 3.03 -15.59
C ARG A 30 16.60 4.13 -14.53
N ASN A 1 -18.17 -2.63 14.32
CA ASN A 1 -17.93 -3.21 13.01
C ASN A 1 -18.21 -2.19 11.91
N ILE A 2 -17.79 -0.94 12.13
CA ILE A 2 -18.00 0.12 11.16
C ILE A 2 -17.06 -0.03 9.97
N ALA A 3 -17.50 0.44 8.80
CA ALA A 3 -16.69 0.36 7.59
C ALA A 3 -15.30 0.95 7.82
N LYS A 4 -15.24 2.05 8.56
CA LYS A 4 -13.99 2.71 8.85
C LYS A 4 -12.97 1.72 9.41
N ILE A 5 -13.42 0.84 10.28
CA ILE A 5 -12.55 -0.16 10.89
C ILE A 5 -11.78 -0.94 9.83
N ILE A 6 -12.43 -1.19 8.70
CA ILE A 6 -11.80 -1.91 7.60
C ILE A 6 -10.89 -0.99 6.78
N ILE A 7 -11.32 0.25 6.63
CA ILE A 7 -10.55 1.23 5.88
C ILE A 7 -9.17 1.45 6.50
N GLY A 8 -9.10 1.35 7.82
CA GLY A 8 -7.83 1.53 8.51
C GLY A 8 -6.72 0.71 7.91
N PRO A 9 -6.82 -0.62 8.03
CA PRO A 9 -5.82 -1.55 7.50
C PRO A 9 -5.82 -1.59 5.97
N LEU A 10 -6.99 -1.34 5.38
CA LEU A 10 -7.13 -1.35 3.94
C LEU A 10 -6.30 -0.23 3.30
N ILE A 11 -6.32 0.93 3.92
CA ILE A 11 -5.58 2.09 3.42
C ILE A 11 -4.12 2.02 3.83
N PHE A 12 -3.87 1.49 5.03
CA PHE A 12 -2.51 1.37 5.55
C PHE A 12 -1.70 0.39 4.70
N VAL A 13 -2.32 -0.73 4.35
CA VAL A 13 -1.66 -1.75 3.53
C VAL A 13 -1.56 -1.31 2.08
N PHE A 14 -2.68 -0.85 1.53
CA PHE A 14 -2.72 -0.40 0.13
C PHE A 14 -1.68 0.67 -0.11
N LEU A 15 -1.64 1.67 0.76
CA LEU A 15 -0.68 2.77 0.63
C LEU A 15 0.75 2.26 0.76
N PHE A 16 1.01 1.51 1.82
CA PHE A 16 2.34 0.97 2.06
C PHE A 16 2.81 0.13 0.88
N SER A 17 1.88 -0.63 0.30
CA SER A 17 2.19 -1.48 -0.83
C SER A 17 2.62 -0.65 -2.04
N VAL A 18 1.91 0.45 -2.28
CA VAL A 18 2.22 1.32 -3.40
C VAL A 18 3.59 1.98 -3.22
N VAL A 19 3.86 2.46 -2.02
CA VAL A 19 5.13 3.11 -1.73
C VAL A 19 6.29 2.12 -1.88
N ILE A 20 6.29 1.09 -1.04
CA ILE A 20 7.34 0.08 -1.08
C ILE A 20 7.44 -0.56 -2.46
N GLY A 21 6.29 -0.73 -3.11
CA GLY A 21 6.27 -1.33 -4.43
C GLY A 21 7.03 -0.50 -5.46
N SER A 22 6.90 0.82 -5.36
CA SER A 22 7.56 1.72 -6.28
C SER A 22 9.06 1.42 -6.36
N ILE A 23 9.64 1.12 -5.20
CA ILE A 23 11.07 0.80 -5.13
C ILE A 23 11.41 -0.42 -5.98
N TYR A 24 10.50 -1.38 -5.99
CA TYR A 24 10.69 -2.61 -6.75
C TYR A 24 10.55 -2.35 -8.25
N LEU A 25 9.62 -1.49 -8.61
CA LEU A 25 9.37 -1.15 -10.00
C LEU A 25 10.55 -0.37 -10.58
N PHE A 26 11.16 0.48 -9.76
CA PHE A 26 12.29 1.28 -10.19
C PHE A 26 13.59 0.48 -10.13
N LEU A 27 13.75 -0.29 -9.05
CA LEU A 27 14.93 -1.11 -8.87
C LEU A 27 15.18 -2.00 -10.09
N ARG A 28 14.11 -2.52 -10.66
CA ARG A 28 14.20 -3.38 -11.83
C ARG A 28 14.22 -2.56 -13.11
N LYS A 29 13.57 -1.40 -13.08
CA LYS A 29 13.51 -0.51 -14.23
C LYS A 29 14.87 0.13 -14.49
N ARG A 30 15.63 -0.44 -15.41
CA ARG A 30 16.95 0.07 -15.75
C ARG A 30 16.84 1.22 -16.75
N ASN A 1 -18.79 -3.52 14.50
CA ASN A 1 -17.68 -3.17 13.61
C ASN A 1 -18.12 -2.12 12.58
N ILE A 2 -17.35 -1.04 12.49
CA ILE A 2 -17.66 0.03 11.55
C ILE A 2 -16.79 -0.08 10.30
N ALA A 3 -17.32 0.40 9.18
CA ALA A 3 -16.60 0.36 7.92
C ALA A 3 -15.21 0.96 8.06
N LYS A 4 -15.13 2.11 8.72
CA LYS A 4 -13.86 2.79 8.92
C LYS A 4 -12.83 1.84 9.53
N ILE A 5 -13.28 0.95 10.40
CA ILE A 5 -12.40 -0.01 11.04
C ILE A 5 -11.62 -0.82 10.00
N ILE A 6 -12.29 -1.19 8.92
CA ILE A 6 -11.66 -1.96 7.86
C ILE A 6 -10.82 -1.05 6.96
N ILE A 7 -11.29 0.16 6.74
CA ILE A 7 -10.58 1.12 5.91
C ILE A 7 -9.21 1.43 6.48
N GLY A 8 -9.10 1.41 7.80
CA GLY A 8 -7.83 1.70 8.44
C GLY A 8 -6.69 0.89 7.86
N PRO A 9 -6.74 -0.44 8.08
CA PRO A 9 -5.70 -1.35 7.58
C PRO A 9 -5.73 -1.49 6.07
N LEU A 10 -6.92 -1.34 5.49
CA LEU A 10 -7.08 -1.45 4.04
C LEU A 10 -6.34 -0.34 3.31
N ILE A 11 -6.41 0.86 3.87
CA ILE A 11 -5.73 2.02 3.28
C ILE A 11 -4.26 2.04 3.65
N PHE A 12 -3.96 1.62 4.87
CA PHE A 12 -2.58 1.58 5.36
C PHE A 12 -1.74 0.60 4.56
N VAL A 13 -2.32 -0.57 4.28
CA VAL A 13 -1.63 -1.61 3.52
C VAL A 13 -1.57 -1.27 2.04
N PHE A 14 -2.73 -0.88 1.50
CA PHE A 14 -2.82 -0.53 0.09
C PHE A 14 -1.85 0.60 -0.25
N LEU A 15 -1.85 1.65 0.56
CA LEU A 15 -0.96 2.79 0.33
C LEU A 15 0.50 2.37 0.47
N PHE A 16 0.83 1.71 1.56
CA PHE A 16 2.19 1.25 1.80
C PHE A 16 2.67 0.35 0.66
N SER A 17 1.78 -0.50 0.18
CA SER A 17 2.11 -1.42 -0.91
C SER A 17 2.45 -0.64 -2.19
N VAL A 18 1.72 0.44 -2.43
CA VAL A 18 1.94 1.26 -3.61
C VAL A 18 3.30 1.93 -3.56
N VAL A 19 3.58 2.65 -2.48
CA VAL A 19 4.84 3.34 -2.32
C VAL A 19 6.01 2.38 -2.38
N ILE A 20 6.07 1.46 -1.41
CA ILE A 20 7.13 0.47 -1.36
C ILE A 20 7.21 -0.33 -2.65
N GLY A 21 6.05 -0.63 -3.23
CA GLY A 21 6.01 -1.38 -4.47
C GLY A 21 6.78 -0.71 -5.59
N SER A 22 6.68 0.62 -5.65
CA SER A 22 7.37 1.39 -6.68
C SER A 22 8.85 1.03 -6.72
N ILE A 23 9.43 0.78 -5.55
CA ILE A 23 10.84 0.43 -5.45
C ILE A 23 11.13 -0.88 -6.18
N TYR A 24 10.20 -1.82 -6.10
CA TYR A 24 10.36 -3.11 -6.75
C TYR A 24 10.49 -2.95 -8.26
N LEU A 25 9.71 -2.02 -8.82
CA LEU A 25 9.74 -1.77 -10.25
C LEU A 25 10.97 -0.94 -10.63
N PHE A 26 11.35 -0.02 -9.77
CA PHE A 26 12.50 0.84 -10.01
C PHE A 26 13.80 0.03 -9.93
N LEU A 27 13.85 -0.90 -8.98
CA LEU A 27 15.04 -1.73 -8.81
C LEU A 27 15.42 -2.41 -10.10
N ARG A 28 14.41 -2.88 -10.85
CA ARG A 28 14.66 -3.56 -12.12
C ARG A 28 14.71 -2.55 -13.26
N LYS A 29 13.97 -1.45 -13.12
CA LYS A 29 13.94 -0.42 -14.13
C LYS A 29 14.93 0.71 -13.81
N ARG A 30 16.08 0.68 -14.46
CA ARG A 30 17.10 1.70 -14.23
C ARG A 30 16.63 3.07 -14.73
N ASN A 1 -20.48 -3.03 14.05
CA ASN A 1 -19.16 -2.55 13.63
C ASN A 1 -19.29 -1.44 12.60
N ILE A 2 -18.17 -0.77 12.31
CA ILE A 2 -18.16 0.31 11.33
C ILE A 2 -17.21 0.01 10.19
N ALA A 3 -17.51 0.55 9.01
CA ALA A 3 -16.69 0.34 7.83
C ALA A 3 -15.34 1.04 7.97
N LYS A 4 -15.36 2.23 8.55
CA LYS A 4 -14.15 3.01 8.75
C LYS A 4 -13.07 2.19 9.45
N ILE A 5 -13.51 1.34 10.38
CA ILE A 5 -12.59 0.48 11.12
C ILE A 5 -11.77 -0.39 10.18
N ILE A 6 -12.41 -0.84 9.09
CA ILE A 6 -11.74 -1.68 8.11
C ILE A 6 -10.91 -0.86 7.15
N ILE A 7 -11.40 0.33 6.82
CA ILE A 7 -10.69 1.22 5.91
C ILE A 7 -9.33 1.61 6.46
N GLY A 8 -9.24 1.72 7.79
CA GLY A 8 -7.99 2.08 8.42
C GLY A 8 -6.83 1.24 7.94
N PRO A 9 -6.85 -0.06 8.26
CA PRO A 9 -5.80 -1.00 7.87
C PRO A 9 -5.80 -1.28 6.38
N LEU A 10 -6.99 -1.19 5.76
CA LEU A 10 -7.13 -1.43 4.33
C LEU A 10 -6.38 -0.38 3.52
N ILE A 11 -6.48 0.88 3.95
CA ILE A 11 -5.82 1.98 3.26
C ILE A 11 -4.35 2.06 3.66
N PHE A 12 -4.06 1.73 4.91
CA PHE A 12 -2.68 1.77 5.41
C PHE A 12 -1.83 0.71 4.71
N VAL A 13 -2.37 -0.49 4.58
CA VAL A 13 -1.66 -1.59 3.94
C VAL A 13 -1.60 -1.39 2.43
N PHE A 14 -2.73 -0.99 1.85
CA PHE A 14 -2.81 -0.78 0.40
C PHE A 14 -1.74 0.22 -0.05
N LEU A 15 -1.72 1.38 0.59
CA LEU A 15 -0.76 2.43 0.25
C LEU A 15 0.67 1.94 0.49
N PHE A 16 0.91 1.40 1.67
CA PHE A 16 2.24 0.89 2.02
C PHE A 16 2.71 -0.14 1.00
N SER A 17 1.78 -0.95 0.52
CA SER A 17 2.10 -1.98 -0.46
C SER A 17 2.53 -1.36 -1.79
N VAL A 18 1.73 -0.41 -2.27
CA VAL A 18 2.03 0.27 -3.53
C VAL A 18 3.33 1.06 -3.44
N VAL A 19 3.45 1.86 -2.39
CA VAL A 19 4.65 2.67 -2.17
C VAL A 19 5.91 1.82 -2.26
N ILE A 20 6.05 0.88 -1.34
CA ILE A 20 7.21 0.00 -1.32
C ILE A 20 7.35 -0.76 -2.62
N GLY A 21 6.23 -1.24 -3.15
CA GLY A 21 6.24 -1.99 -4.39
C GLY A 21 6.92 -1.22 -5.52
N SER A 22 6.68 0.10 -5.56
CA SER A 22 7.26 0.94 -6.59
C SER A 22 8.78 0.73 -6.67
N ILE A 23 9.40 0.53 -5.52
CA ILE A 23 10.84 0.32 -5.45
C ILE A 23 11.25 -0.92 -6.24
N TYR A 24 10.40 -1.95 -6.21
CA TYR A 24 10.68 -3.19 -6.91
C TYR A 24 10.89 -2.94 -8.40
N LEU A 25 9.99 -2.14 -8.99
CA LEU A 25 10.08 -1.82 -10.41
C LEU A 25 11.20 -0.82 -10.68
N PHE A 26 11.37 0.13 -9.75
CA PHE A 26 12.41 1.14 -9.89
C PHE A 26 13.80 0.49 -9.98
N LEU A 27 14.07 -0.43 -9.08
CA LEU A 27 15.36 -1.12 -9.05
C LEU A 27 15.67 -1.72 -10.42
N ARG A 28 14.65 -2.27 -11.07
CA ARG A 28 14.83 -2.88 -12.38
C ARG A 28 14.87 -1.81 -13.47
N LYS A 29 14.17 -0.70 -13.24
CA LYS A 29 14.14 0.40 -14.20
C LYS A 29 15.50 1.08 -14.31
N ARG A 30 15.92 1.33 -15.54
CA ARG A 30 17.22 1.97 -15.78
C ARG A 30 17.04 3.47 -16.00
N ASN A 1 -19.75 -4.57 13.39
CA ASN A 1 -18.50 -3.83 13.21
C ASN A 1 -18.67 -2.74 12.16
N ILE A 2 -18.16 -1.55 12.46
CA ILE A 2 -18.25 -0.42 11.53
C ILE A 2 -17.34 -0.63 10.32
N ALA A 3 -17.73 -0.06 9.19
CA ALA A 3 -16.95 -0.18 7.96
C ALA A 3 -15.60 0.51 8.10
N LYS A 4 -15.60 1.66 8.75
CA LYS A 4 -14.37 2.43 8.96
C LYS A 4 -13.28 1.55 9.57
N ILE A 5 -13.69 0.64 10.45
CA ILE A 5 -12.74 -0.26 11.10
C ILE A 5 -11.87 -0.97 10.08
N ILE A 6 -12.44 -1.30 8.93
CA ILE A 6 -11.72 -1.97 7.87
C ILE A 6 -10.95 -0.97 7.00
N ILE A 7 -11.57 0.16 6.74
CA ILE A 7 -10.94 1.20 5.92
C ILE A 7 -9.64 1.68 6.55
N GLY A 8 -9.61 1.71 7.88
CA GLY A 8 -8.41 2.15 8.58
C GLY A 8 -7.17 1.44 8.11
N PRO A 9 -7.09 0.13 8.38
CA PRO A 9 -5.94 -0.70 7.97
C PRO A 9 -5.87 -0.90 6.47
N LEU A 10 -7.02 -0.85 5.81
CA LEU A 10 -7.09 -1.03 4.37
C LEU A 10 -6.30 0.05 3.65
N ILE A 11 -6.33 1.26 4.21
CA ILE A 11 -5.61 2.39 3.61
C ILE A 11 -4.12 2.31 3.92
N PHE A 12 -3.79 1.91 5.14
CA PHE A 12 -2.39 1.79 5.55
C PHE A 12 -1.67 0.73 4.72
N VAL A 13 -2.38 -0.33 4.38
CA VAL A 13 -1.81 -1.41 3.58
C VAL A 13 -1.66 -1.00 2.12
N PHE A 14 -2.75 -0.52 1.53
CA PHE A 14 -2.74 -0.10 0.14
C PHE A 14 -1.62 0.91 -0.12
N LEU A 15 -1.48 1.87 0.78
CA LEU A 15 -0.45 2.90 0.67
C LEU A 15 0.94 2.27 0.75
N PHE A 16 1.19 1.53 1.83
CA PHE A 16 2.48 0.88 2.02
C PHE A 16 2.83 -0.01 0.83
N SER A 17 1.83 -0.68 0.28
CA SER A 17 2.04 -1.57 -0.85
C SER A 17 2.50 -0.78 -2.07
N VAL A 18 1.92 0.40 -2.28
CA VAL A 18 2.28 1.25 -3.40
C VAL A 18 3.70 1.77 -3.27
N VAL A 19 4.00 2.37 -2.12
CA VAL A 19 5.34 2.92 -1.87
C VAL A 19 6.41 1.85 -2.07
N ILE A 20 6.36 0.80 -1.25
CA ILE A 20 7.32 -0.29 -1.34
C ILE A 20 7.29 -0.94 -2.71
N GLY A 21 6.09 -1.06 -3.28
CA GLY A 21 5.94 -1.66 -4.59
C GLY A 21 6.69 -0.90 -5.67
N SER A 22 6.56 0.41 -5.66
CA SER A 22 7.22 1.26 -6.65
C SER A 22 8.71 0.94 -6.71
N ILE A 23 9.31 0.69 -5.55
CA ILE A 23 10.73 0.38 -5.47
C ILE A 23 11.09 -0.80 -6.38
N TYR A 24 10.20 -1.79 -6.43
CA TYR A 24 10.42 -2.97 -7.26
C TYR A 24 10.61 -2.58 -8.72
N LEU A 25 9.75 -1.69 -9.21
CA LEU A 25 9.82 -1.23 -10.59
C LEU A 25 11.04 -0.34 -10.80
N PHE A 26 11.35 0.48 -9.81
CA PHE A 26 12.49 1.39 -9.88
C PHE A 26 13.79 0.60 -9.96
N LEU A 27 13.95 -0.39 -9.09
CA LEU A 27 15.15 -1.21 -9.06
C LEU A 27 15.34 -1.95 -10.38
N ARG A 28 14.23 -2.39 -10.97
CA ARG A 28 14.28 -3.11 -12.24
C ARG A 28 14.60 -2.16 -13.39
N LYS A 29 14.20 -0.90 -13.25
CA LYS A 29 14.44 0.11 -14.26
C LYS A 29 15.94 0.39 -14.40
N ARG A 30 16.57 -0.22 -15.41
CA ARG A 30 17.99 -0.03 -15.64
C ARG A 30 18.23 1.09 -16.65
N ASN A 1 -20.24 -2.83 14.30
CA ASN A 1 -19.00 -2.82 13.53
C ASN A 1 -19.02 -1.70 12.50
N ILE A 2 -18.13 -0.73 12.67
CA ILE A 2 -18.04 0.40 11.75
C ILE A 2 -17.17 0.05 10.54
N ALA A 3 -17.48 0.68 9.41
CA ALA A 3 -16.73 0.43 8.19
C ALA A 3 -15.34 1.07 8.24
N LYS A 4 -15.27 2.26 8.83
CA LYS A 4 -14.01 2.97 8.96
C LYS A 4 -12.94 2.08 9.60
N ILE A 5 -13.35 1.27 10.56
CA ILE A 5 -12.43 0.36 11.24
C ILE A 5 -11.67 -0.50 10.25
N ILE A 6 -12.35 -0.93 9.19
CA ILE A 6 -11.73 -1.76 8.16
C ILE A 6 -10.89 -0.90 7.20
N ILE A 7 -11.38 0.31 6.93
CA ILE A 7 -10.67 1.21 6.03
C ILE A 7 -9.29 1.56 6.57
N GLY A 8 -9.16 1.61 7.89
CA GLY A 8 -7.89 1.92 8.51
C GLY A 8 -6.76 1.08 7.96
N PRO A 9 -6.80 -0.23 8.24
CA PRO A 9 -5.77 -1.18 7.78
C PRO A 9 -5.83 -1.40 6.27
N LEU A 10 -7.02 -1.27 5.71
CA LEU A 10 -7.20 -1.45 4.27
C LEU A 10 -6.46 -0.38 3.48
N ILE A 11 -6.52 0.86 3.96
CA ILE A 11 -5.85 1.97 3.30
C ILE A 11 -4.37 2.00 3.66
N PHE A 12 -4.05 1.63 4.89
CA PHE A 12 -2.67 1.62 5.35
C PHE A 12 -1.85 0.56 4.60
N VAL A 13 -2.43 -0.62 4.45
CA VAL A 13 -1.76 -1.72 3.75
C VAL A 13 -1.74 -1.47 2.25
N PHE A 14 -2.88 -1.05 1.70
CA PHE A 14 -2.99 -0.78 0.28
C PHE A 14 -1.94 0.25 -0.17
N LEU A 15 -1.93 1.40 0.50
CA LEU A 15 -0.99 2.45 0.17
C LEU A 15 0.45 1.97 0.34
N PHE A 16 0.73 1.35 1.49
CA PHE A 16 2.07 0.84 1.78
C PHE A 16 2.53 -0.14 0.70
N SER A 17 1.61 -1.00 0.27
CA SER A 17 1.91 -2.00 -0.75
C SER A 17 2.31 -1.33 -2.06
N VAL A 18 1.62 -0.24 -2.39
CA VAL A 18 1.89 0.49 -3.62
C VAL A 18 3.25 1.19 -3.55
N VAL A 19 3.43 1.99 -2.50
CA VAL A 19 4.69 2.72 -2.31
C VAL A 19 5.88 1.78 -2.38
N ILE A 20 5.94 0.83 -1.46
CA ILE A 20 7.03 -0.14 -1.42
C ILE A 20 7.15 -0.89 -2.74
N GLY A 21 6.00 -1.19 -3.34
CA GLY A 21 6.00 -1.91 -4.60
C GLY A 21 6.70 -1.13 -5.71
N SER A 22 6.48 0.18 -5.75
CA SER A 22 7.09 1.03 -6.76
C SER A 22 8.61 0.84 -6.79
N ILE A 23 9.20 0.71 -5.61
CA ILE A 23 10.65 0.51 -5.50
C ILE A 23 11.10 -0.68 -6.33
N TYR A 24 10.30 -1.73 -6.34
CA TYR A 24 10.63 -2.93 -7.09
C TYR A 24 10.87 -2.61 -8.57
N LEU A 25 10.01 -1.76 -9.13
CA LEU A 25 10.13 -1.37 -10.53
C LEU A 25 11.27 -0.38 -10.72
N PHE A 26 11.36 0.59 -9.81
CA PHE A 26 12.40 1.61 -9.88
C PHE A 26 13.79 0.97 -9.92
N LEU A 27 14.06 0.12 -8.93
CA LEU A 27 15.35 -0.56 -8.85
C LEU A 27 15.63 -1.35 -10.13
N ARG A 28 14.59 -1.96 -10.68
CA ARG A 28 14.72 -2.75 -11.90
C ARG A 28 14.97 -1.84 -13.11
N LYS A 29 14.45 -0.62 -13.05
CA LYS A 29 14.61 0.34 -14.12
C LYS A 29 16.07 0.74 -14.28
N ARG A 30 16.74 0.18 -15.28
CA ARG A 30 18.14 0.49 -15.54
C ARG A 30 18.29 1.83 -16.24
N ASN A 1 -18.91 -2.99 14.78
CA ASN A 1 -18.00 -3.20 13.67
C ASN A 1 -18.24 -2.17 12.57
N ILE A 2 -17.71 -0.96 12.77
CA ILE A 2 -17.86 0.11 11.81
C ILE A 2 -17.00 -0.14 10.57
N ALA A 3 -17.45 0.37 9.42
CA ALA A 3 -16.72 0.20 8.18
C ALA A 3 -15.34 0.87 8.26
N LYS A 4 -15.31 2.06 8.86
CA LYS A 4 -14.06 2.80 9.00
C LYS A 4 -12.97 1.93 9.62
N ILE A 5 -13.37 1.10 10.58
CA ILE A 5 -12.42 0.21 11.25
C ILE A 5 -11.65 -0.63 10.24
N ILE A 6 -12.32 -1.03 9.17
CA ILE A 6 -11.69 -1.83 8.13
C ILE A 6 -10.87 -0.96 7.18
N ILE A 7 -11.37 0.25 6.92
CA ILE A 7 -10.67 1.18 6.03
C ILE A 7 -9.29 1.54 6.57
N GLY A 8 -9.17 1.57 7.89
CA GLY A 8 -7.90 1.90 8.51
C GLY A 8 -6.76 1.08 7.95
N PRO A 9 -6.78 -0.24 8.22
CA PRO A 9 -5.74 -1.17 7.74
C PRO A 9 -5.80 -1.37 6.23
N LEU A 10 -6.99 -1.25 5.67
CA LEU A 10 -7.18 -1.42 4.23
C LEU A 10 -6.45 -0.33 3.45
N ILE A 11 -6.53 0.90 3.94
CA ILE A 11 -5.88 2.03 3.30
C ILE A 11 -4.39 2.08 3.65
N PHE A 12 -4.07 1.70 4.87
CA PHE A 12 -2.69 1.70 5.34
C PHE A 12 -1.86 0.68 4.57
N VAL A 13 -2.41 -0.52 4.41
CA VAL A 13 -1.73 -1.59 3.69
C VAL A 13 -1.73 -1.33 2.19
N PHE A 14 -2.87 -0.89 1.66
CA PHE A 14 -2.99 -0.61 0.24
C PHE A 14 -1.96 0.44 -0.20
N LEU A 15 -1.97 1.58 0.48
CA LEU A 15 -1.04 2.67 0.16
C LEU A 15 0.41 2.21 0.33
N PHE A 16 0.69 1.58 1.46
CA PHE A 16 2.04 1.09 1.74
C PHE A 16 2.50 0.11 0.66
N SER A 17 1.60 -0.77 0.23
CA SER A 17 1.92 -1.75 -0.79
C SER A 17 2.28 -1.07 -2.10
N VAL A 18 1.60 0.03 -2.40
CA VAL A 18 1.84 0.78 -3.63
C VAL A 18 3.18 1.52 -3.56
N VAL A 19 3.40 2.23 -2.46
CA VAL A 19 4.63 2.98 -2.26
C VAL A 19 5.85 2.06 -2.33
N ILE A 20 5.90 1.10 -1.41
CA ILE A 20 7.01 0.16 -1.35
C ILE A 20 7.15 -0.61 -2.68
N GLY A 21 6.01 -0.92 -3.28
CA GLY A 21 6.02 -1.65 -4.54
C GLY A 21 6.71 -0.87 -5.65
N SER A 22 6.53 0.45 -5.64
CA SER A 22 7.13 1.30 -6.67
C SER A 22 8.63 1.04 -6.78
N ILE A 23 9.26 0.77 -5.63
CA ILE A 23 10.69 0.51 -5.60
C ILE A 23 11.03 -0.78 -6.37
N TYR A 24 10.18 -1.78 -6.24
CA TYR A 24 10.38 -3.06 -6.92
C TYR A 24 10.58 -2.84 -8.42
N LEU A 25 9.81 -1.93 -8.99
CA LEU A 25 9.91 -1.62 -10.42
C LEU A 25 11.13 -0.76 -10.71
N PHE A 26 11.34 0.26 -9.88
CA PHE A 26 12.46 1.16 -10.05
C PHE A 26 13.78 0.39 -10.10
N LEU A 27 13.97 -0.48 -9.13
CA LEU A 27 15.19 -1.29 -9.05
C LEU A 27 15.45 -2.01 -10.37
N ARG A 28 14.37 -2.48 -11.00
CA ARG A 28 14.48 -3.19 -12.27
C ARG A 28 14.91 -2.24 -13.39
N LYS A 29 14.54 -0.97 -13.25
CA LYS A 29 14.88 0.03 -14.25
C LYS A 29 16.22 0.69 -13.92
N ARG A 30 17.08 0.79 -14.93
CA ARG A 30 18.40 1.39 -14.74
C ARG A 30 18.81 2.19 -15.98
N ASN A 1 -19.83 -1.59 14.79
CA ASN A 1 -18.91 -1.75 13.66
C ASN A 1 -19.10 -0.65 12.64
N ILE A 2 -18.00 -0.20 12.04
CA ILE A 2 -18.04 0.86 11.03
C ILE A 2 -17.10 0.55 9.88
N ALA A 3 -17.45 1.05 8.70
CA ALA A 3 -16.65 0.83 7.50
C ALA A 3 -15.21 1.27 7.73
N LYS A 4 -15.03 2.39 8.43
CA LYS A 4 -13.70 2.92 8.71
C LYS A 4 -12.83 1.85 9.36
N ILE A 5 -13.43 1.04 10.21
CA ILE A 5 -12.71 -0.02 10.91
C ILE A 5 -11.92 -0.88 9.93
N ILE A 6 -12.51 -1.11 8.75
CA ILE A 6 -11.85 -1.92 7.72
C ILE A 6 -10.94 -1.06 6.85
N ILE A 7 -11.36 0.18 6.61
CA ILE A 7 -10.58 1.10 5.79
C ILE A 7 -9.21 1.37 6.41
N GLY A 8 -9.17 1.35 7.74
CA GLY A 8 -7.92 1.59 8.45
C GLY A 8 -6.79 0.73 7.92
N PRO A 9 -6.90 -0.59 8.14
CA PRO A 9 -5.87 -1.55 7.70
C PRO A 9 -5.85 -1.71 6.18
N LEU A 10 -7.00 -1.50 5.55
CA LEU A 10 -7.11 -1.62 4.10
C LEU A 10 -6.29 -0.54 3.40
N ILE A 11 -6.35 0.67 3.93
CA ILE A 11 -5.60 1.79 3.36
C ILE A 11 -4.14 1.75 3.80
N PHE A 12 -3.91 1.33 5.04
CA PHE A 12 -2.56 1.25 5.59
C PHE A 12 -1.72 0.24 4.81
N VAL A 13 -2.33 -0.90 4.49
CA VAL A 13 -1.62 -1.95 3.74
C VAL A 13 -1.51 -1.59 2.28
N PHE A 14 -2.62 -1.21 1.66
CA PHE A 14 -2.63 -0.84 0.25
C PHE A 14 -1.62 0.28 -0.03
N LEU A 15 -1.58 1.26 0.86
CA LEU A 15 -0.67 2.38 0.72
C LEU A 15 0.78 1.92 0.85
N PHE A 16 1.09 1.25 1.95
CA PHE A 16 2.45 0.76 2.19
C PHE A 16 2.90 -0.15 1.06
N SER A 17 1.97 -0.92 0.51
CA SER A 17 2.28 -1.85 -0.57
C SER A 17 2.67 -1.08 -1.84
N VAL A 18 1.94 0.01 -2.10
CA VAL A 18 2.21 0.82 -3.28
C VAL A 18 3.52 1.60 -3.14
N VAL A 19 3.69 2.25 -1.99
CA VAL A 19 4.89 3.02 -1.72
C VAL A 19 6.15 2.17 -1.90
N ILE A 20 6.24 1.09 -1.13
CA ILE A 20 7.39 0.18 -1.23
C ILE A 20 7.46 -0.48 -2.60
N GLY A 21 6.29 -0.79 -3.17
CA GLY A 21 6.24 -1.42 -4.46
C GLY A 21 6.87 -0.58 -5.55
N SER A 22 6.63 0.73 -5.49
CA SER A 22 7.17 1.65 -6.48
C SER A 22 8.69 1.48 -6.62
N ILE A 23 9.35 1.20 -5.50
CA ILE A 23 10.79 1.01 -5.49
C ILE A 23 11.18 -0.28 -6.21
N TYR A 24 10.35 -1.31 -6.05
CA TYR A 24 10.60 -2.60 -6.69
C TYR A 24 10.77 -2.43 -8.20
N LEU A 25 9.91 -1.62 -8.80
CA LEU A 25 9.97 -1.38 -10.24
C LEU A 25 10.99 -0.30 -10.57
N PHE A 26 11.10 0.69 -9.70
CA PHE A 26 12.04 1.79 -9.89
C PHE A 26 13.47 1.26 -9.97
N LEU A 27 13.77 0.23 -9.20
CA LEU A 27 15.09 -0.36 -9.18
C LEU A 27 15.23 -1.43 -10.26
N ARG A 28 14.15 -2.15 -10.51
CA ARG A 28 14.14 -3.21 -11.51
C ARG A 28 14.26 -2.62 -12.92
N LYS A 29 13.73 -1.40 -13.08
CA LYS A 29 13.77 -0.72 -14.37
C LYS A 29 15.04 0.11 -14.51
N ARG A 30 15.79 -0.13 -15.58
CA ARG A 30 17.03 0.60 -15.83
C ARG A 30 17.17 0.97 -17.30
N ASN A 1 -17.37 -4.65 13.24
CA ASN A 1 -18.05 -3.59 13.99
C ASN A 1 -18.57 -2.51 13.04
N ILE A 2 -17.63 -1.72 12.50
CA ILE A 2 -17.99 -0.65 11.58
C ILE A 2 -17.13 -0.69 10.33
N ALA A 3 -17.69 -0.22 9.22
CA ALA A 3 -16.95 -0.20 7.95
C ALA A 3 -15.60 0.48 8.11
N LYS A 4 -15.59 1.62 8.79
CA LYS A 4 -14.35 2.36 9.01
C LYS A 4 -13.27 1.46 9.60
N ILE A 5 -13.68 0.53 10.46
CA ILE A 5 -12.75 -0.39 11.08
C ILE A 5 -11.92 -1.14 10.04
N ILE A 6 -12.53 -1.44 8.90
CA ILE A 6 -11.85 -2.14 7.82
C ILE A 6 -11.06 -1.17 6.95
N ILE A 7 -11.67 -0.02 6.65
CA ILE A 7 -11.02 1.00 5.83
C ILE A 7 -9.75 1.51 6.50
N GLY A 8 -9.76 1.54 7.83
CA GLY A 8 -8.61 2.02 8.57
C GLY A 8 -7.31 1.37 8.11
N PRO A 9 -7.19 0.05 8.36
CA PRO A 9 -6.00 -0.71 7.98
C PRO A 9 -5.88 -0.88 6.46
N LEU A 10 -7.02 -0.86 5.78
CA LEU A 10 -7.04 -1.02 4.33
C LEU A 10 -6.29 0.12 3.65
N ILE A 11 -6.38 1.31 4.22
CA ILE A 11 -5.70 2.48 3.68
C ILE A 11 -4.21 2.43 3.98
N PHE A 12 -3.86 1.93 5.15
CA PHE A 12 -2.46 1.84 5.57
C PHE A 12 -1.72 0.80 4.72
N VAL A 13 -2.39 -0.30 4.43
CA VAL A 13 -1.80 -1.38 3.63
C VAL A 13 -1.64 -0.95 2.18
N PHE A 14 -2.70 -0.38 1.62
CA PHE A 14 -2.69 0.07 0.23
C PHE A 14 -1.55 1.07 -0.01
N LEU A 15 -1.46 2.06 0.86
CA LEU A 15 -0.42 3.08 0.75
C LEU A 15 0.97 2.44 0.80
N PHE A 16 1.22 1.70 1.87
CA PHE A 16 2.51 1.03 2.04
C PHE A 16 2.85 0.16 0.83
N SER A 17 1.83 -0.46 0.26
CA SER A 17 2.01 -1.33 -0.90
C SER A 17 2.46 -0.52 -2.11
N VAL A 18 1.93 0.69 -2.25
CA VAL A 18 2.28 1.56 -3.36
C VAL A 18 3.70 2.10 -3.22
N VAL A 19 4.02 2.58 -2.02
CA VAL A 19 5.35 3.11 -1.75
C VAL A 19 6.43 2.06 -1.99
N ILE A 20 6.35 0.96 -1.24
CA ILE A 20 7.33 -0.12 -1.37
C ILE A 20 7.27 -0.74 -2.76
N GLY A 21 6.07 -0.85 -3.30
CA GLY A 21 5.90 -1.42 -4.63
C GLY A 21 6.65 -0.64 -5.69
N SER A 22 6.59 0.68 -5.59
CA SER A 22 7.26 1.55 -6.57
C SER A 22 8.73 1.15 -6.72
N ILE A 23 9.36 0.83 -5.60
CA ILE A 23 10.77 0.44 -5.61
C ILE A 23 10.98 -0.83 -6.45
N TYR A 24 10.03 -1.75 -6.37
CA TYR A 24 10.12 -3.00 -7.11
C TYR A 24 10.32 -2.73 -8.60
N LEU A 25 9.64 -1.70 -9.11
CA LEU A 25 9.75 -1.34 -10.52
C LEU A 25 11.03 -0.56 -10.78
N PHE A 26 11.40 0.29 -9.83
CA PHE A 26 12.62 1.10 -9.97
C PHE A 26 13.85 0.21 -10.04
N LEU A 27 13.91 -0.78 -9.15
CA LEU A 27 15.04 -1.70 -9.11
C LEU A 27 15.25 -2.37 -10.46
N ARG A 28 14.15 -2.70 -11.13
CA ARG A 28 14.22 -3.35 -12.43
C ARG A 28 14.67 -2.36 -13.51
N LYS A 29 14.35 -1.09 -13.31
CA LYS A 29 14.72 -0.04 -14.26
C LYS A 29 16.24 0.00 -14.45
N ARG A 30 16.67 -0.07 -15.70
CA ARG A 30 18.09 -0.04 -16.01
C ARG A 30 18.60 1.40 -16.12
N ASN A 1 -18.86 -3.57 14.68
CA ASN A 1 -18.33 -3.84 13.35
C ASN A 1 -18.57 -2.65 12.43
N ILE A 2 -17.71 -1.63 12.54
CA ILE A 2 -17.84 -0.43 11.72
C ILE A 2 -17.01 -0.55 10.45
N ALA A 3 -17.45 0.11 9.38
CA ALA A 3 -16.74 0.08 8.11
C ALA A 3 -15.36 0.70 8.24
N LYS A 4 -15.28 1.81 8.99
CA LYS A 4 -14.02 2.51 9.19
C LYS A 4 -12.93 1.55 9.67
N ILE A 5 -13.30 0.66 10.59
CA ILE A 5 -12.36 -0.31 11.12
C ILE A 5 -11.65 -1.08 10.00
N ILE A 6 -12.38 -1.33 8.93
CA ILE A 6 -11.81 -2.05 7.78
C ILE A 6 -10.97 -1.12 6.91
N ILE A 7 -11.44 0.11 6.75
CA ILE A 7 -10.73 1.11 5.94
C ILE A 7 -9.35 1.41 6.53
N GLY A 8 -9.26 1.34 7.86
CA GLY A 8 -8.00 1.60 8.53
C GLY A 8 -6.85 0.84 7.91
N PRO A 9 -6.87 -0.50 8.04
CA PRO A 9 -5.82 -1.37 7.50
C PRO A 9 -5.84 -1.41 5.97
N LEU A 10 -7.02 -1.23 5.40
CA LEU A 10 -7.18 -1.26 3.95
C LEU A 10 -6.41 -0.11 3.30
N ILE A 11 -6.47 1.06 3.91
CA ILE A 11 -5.79 2.23 3.39
C ILE A 11 -4.30 2.21 3.77
N PHE A 12 -4.01 1.70 4.96
CA PHE A 12 -2.63 1.62 5.44
C PHE A 12 -1.82 0.66 4.58
N VAL A 13 -2.41 -0.50 4.27
CA VAL A 13 -1.73 -1.50 3.46
C VAL A 13 -1.67 -1.08 2.00
N PHE A 14 -2.79 -0.59 1.48
CA PHE A 14 -2.86 -0.15 0.09
C PHE A 14 -1.81 0.90 -0.20
N LEU A 15 -1.81 1.97 0.59
CA LEU A 15 -0.85 3.06 0.43
C LEU A 15 0.58 2.54 0.57
N PHE A 16 0.82 1.77 1.62
CA PHE A 16 2.14 1.21 1.87
C PHE A 16 2.63 0.38 0.69
N SER A 17 1.73 -0.44 0.14
CA SER A 17 2.06 -1.28 -0.99
C SER A 17 2.46 -0.45 -2.20
N VAL A 18 1.80 0.69 -2.38
CA VAL A 18 2.09 1.58 -3.49
C VAL A 18 3.47 2.19 -3.36
N VAL A 19 3.72 2.87 -2.24
CA VAL A 19 5.00 3.51 -1.98
C VAL A 19 6.14 2.50 -2.12
N ILE A 20 6.13 1.48 -1.26
CA ILE A 20 7.17 0.46 -1.27
C ILE A 20 7.24 -0.22 -2.64
N GLY A 21 6.08 -0.39 -3.28
CA GLY A 21 6.03 -1.02 -4.58
C GLY A 21 6.86 -0.27 -5.62
N SER A 22 6.87 1.05 -5.52
CA SER A 22 7.61 1.88 -6.46
C SER A 22 9.06 1.42 -6.56
N ILE A 23 9.62 0.98 -5.43
CA ILE A 23 10.99 0.51 -5.39
C ILE A 23 11.17 -0.77 -6.21
N TYR A 24 10.16 -1.64 -6.15
CA TYR A 24 10.20 -2.89 -6.89
C TYR A 24 10.29 -2.64 -8.39
N LEU A 25 9.62 -1.61 -8.85
CA LEU A 25 9.63 -1.26 -10.26
C LEU A 25 10.94 -0.56 -10.65
N PHE A 26 11.41 0.31 -9.76
CA PHE A 26 12.65 1.03 -10.01
C PHE A 26 13.84 0.08 -10.06
N LEU A 27 13.90 -0.84 -9.11
CA LEU A 27 14.99 -1.81 -9.05
C LEU A 27 15.08 -2.60 -10.35
N ARG A 28 13.94 -2.95 -10.91
CA ARG A 28 13.89 -3.71 -12.15
C ARG A 28 14.32 -2.85 -13.34
N LYS A 29 14.07 -1.54 -13.23
CA LYS A 29 14.44 -0.60 -14.28
C LYS A 29 15.96 -0.46 -14.38
N ARG A 30 16.41 0.19 -15.44
CA ARG A 30 17.85 0.40 -15.65
C ARG A 30 18.46 1.20 -14.50
N ASN A 1 -19.11 -3.44 14.35
CA ASN A 1 -17.87 -2.86 13.87
C ASN A 1 -18.11 -1.50 13.24
N ILE A 2 -17.07 -0.94 12.63
CA ILE A 2 -17.18 0.36 11.98
C ILE A 2 -16.37 0.40 10.69
N ALA A 3 -16.82 1.21 9.73
CA ALA A 3 -16.14 1.34 8.46
C ALA A 3 -14.66 1.64 8.65
N LYS A 4 -14.36 2.57 9.55
CA LYS A 4 -12.98 2.95 9.83
C LYS A 4 -12.14 1.72 10.17
N ILE A 5 -12.76 0.75 10.82
CA ILE A 5 -12.08 -0.48 11.20
C ILE A 5 -11.67 -1.29 9.97
N ILE A 6 -12.46 -1.19 8.91
CA ILE A 6 -12.18 -1.90 7.68
C ILE A 6 -11.31 -1.08 6.74
N ILE A 7 -11.79 0.11 6.39
CA ILE A 7 -11.05 1.00 5.50
C ILE A 7 -9.71 1.40 6.11
N GLY A 8 -9.67 1.47 7.44
CA GLY A 8 -8.45 1.84 8.13
C GLY A 8 -7.25 1.04 7.65
N PRO A 9 -7.25 -0.27 7.96
CA PRO A 9 -6.16 -1.17 7.57
C PRO A 9 -6.13 -1.43 6.07
N LEU A 10 -7.30 -1.36 5.44
CA LEU A 10 -7.40 -1.58 4.00
C LEU A 10 -6.66 -0.50 3.23
N ILE A 11 -6.77 0.73 3.68
CA ILE A 11 -6.11 1.86 3.03
C ILE A 11 -4.64 1.93 3.44
N PHE A 12 -4.37 1.60 4.70
CA PHE A 12 -3.00 1.63 5.21
C PHE A 12 -2.13 0.60 4.52
N VAL A 13 -2.67 -0.60 4.35
CA VAL A 13 -1.94 -1.69 3.69
C VAL A 13 -1.85 -1.45 2.19
N PHE A 14 -2.97 -1.10 1.58
CA PHE A 14 -3.02 -0.84 0.14
C PHE A 14 -1.98 0.21 -0.26
N LEU A 15 -2.04 1.36 0.39
CA LEU A 15 -1.12 2.45 0.09
C LEU A 15 0.32 2.01 0.35
N PHE A 16 0.56 1.39 1.51
CA PHE A 16 1.90 0.93 1.86
C PHE A 16 2.44 -0.04 0.80
N SER A 17 1.59 -0.95 0.35
CA SER A 17 1.97 -1.92 -0.66
C SER A 17 2.35 -1.24 -1.97
N VAL A 18 1.58 -0.22 -2.33
CA VAL A 18 1.83 0.54 -3.56
C VAL A 18 3.12 1.35 -3.46
N VAL A 19 3.26 2.10 -2.37
CA VAL A 19 4.44 2.92 -2.15
C VAL A 19 5.72 2.07 -2.21
N ILE A 20 5.84 1.13 -1.28
CA ILE A 20 7.00 0.25 -1.23
C ILE A 20 7.18 -0.49 -2.54
N GLY A 21 6.07 -0.91 -3.14
CA GLY A 21 6.14 -1.64 -4.40
C GLY A 21 6.81 -0.83 -5.50
N SER A 22 6.58 0.48 -5.50
CA SER A 22 7.16 1.36 -6.51
C SER A 22 8.67 1.16 -6.58
N ILE A 23 9.31 1.03 -5.43
CA ILE A 23 10.76 0.83 -5.37
C ILE A 23 11.17 -0.42 -6.14
N TYR A 24 10.33 -1.45 -6.10
CA TYR A 24 10.61 -2.70 -6.78
C TYR A 24 10.85 -2.45 -8.28
N LEU A 25 9.94 -1.72 -8.90
CA LEU A 25 10.04 -1.41 -10.32
C LEU A 25 11.25 -0.52 -10.60
N PHE A 26 11.39 0.54 -9.81
CA PHE A 26 12.50 1.46 -9.96
C PHE A 26 13.83 0.73 -9.91
N LEU A 27 13.98 -0.14 -8.92
CA LEU A 27 15.22 -0.91 -8.76
C LEU A 27 15.55 -1.67 -10.04
N ARG A 28 14.53 -2.23 -10.67
CA ARG A 28 14.72 -2.99 -11.90
C ARG A 28 15.07 -2.06 -13.06
N LYS A 29 14.56 -0.84 -13.00
CA LYS A 29 14.83 0.15 -14.04
C LYS A 29 16.33 0.35 -14.25
N ARG A 30 16.75 0.30 -15.50
CA ARG A 30 18.16 0.48 -15.83
C ARG A 30 18.33 1.33 -17.09
N ASN A 1 -18.30 -5.14 13.04
CA ASN A 1 -19.40 -4.25 13.40
C ASN A 1 -19.38 -2.98 12.57
N ILE A 2 -18.29 -2.24 12.67
CA ILE A 2 -18.12 -0.99 11.92
C ILE A 2 -17.26 -1.20 10.69
N ALA A 3 -17.51 -0.40 9.65
CA ALA A 3 -16.73 -0.50 8.42
C ALA A 3 -15.39 0.19 8.55
N LYS A 4 -15.36 1.29 9.31
CA LYS A 4 -14.13 2.04 9.52
C LYS A 4 -13.00 1.12 9.99
N ILE A 5 -13.36 0.12 10.80
CA ILE A 5 -12.39 -0.82 11.32
C ILE A 5 -11.60 -1.47 10.18
N ILE A 6 -12.27 -1.71 9.06
CA ILE A 6 -11.63 -2.33 7.91
C ILE A 6 -10.91 -1.30 7.06
N ILE A 7 -11.54 -0.14 6.86
CA ILE A 7 -10.96 0.93 6.07
C ILE A 7 -9.67 1.44 6.71
N GLY A 8 -9.60 1.39 8.04
CA GLY A 8 -8.43 1.84 8.75
C GLY A 8 -7.15 1.24 8.18
N PRO A 9 -6.99 -0.08 8.34
CA PRO A 9 -5.81 -0.79 7.85
C PRO A 9 -5.76 -0.88 6.33
N LEU A 10 -6.94 -0.84 5.71
CA LEU A 10 -7.03 -0.90 4.25
C LEU A 10 -6.34 0.29 3.60
N ILE A 11 -6.42 1.44 4.26
CA ILE A 11 -5.79 2.66 3.76
C ILE A 11 -4.28 2.63 3.97
N PHE A 12 -3.86 2.10 5.12
CA PHE A 12 -2.44 2.01 5.46
C PHE A 12 -1.72 1.05 4.50
N VAL A 13 -2.38 -0.05 4.18
CA VAL A 13 -1.81 -1.05 3.29
C VAL A 13 -1.78 -0.56 1.85
N PHE A 14 -2.85 0.12 1.44
CA PHE A 14 -2.95 0.66 0.09
C PHE A 14 -1.81 1.61 -0.20
N LEU A 15 -1.63 2.60 0.67
CA LEU A 15 -0.57 3.59 0.51
C LEU A 15 0.80 2.93 0.53
N PHE A 16 1.04 2.13 1.57
CA PHE A 16 2.32 1.43 1.71
C PHE A 16 2.61 0.56 0.50
N SER A 17 1.55 -0.04 -0.07
CA SER A 17 1.69 -0.90 -1.23
C SER A 17 2.17 -0.10 -2.44
N VAL A 18 1.62 1.11 -2.60
CA VAL A 18 1.99 1.97 -3.71
C VAL A 18 3.45 2.42 -3.61
N VAL A 19 3.82 2.97 -2.45
CA VAL A 19 5.17 3.43 -2.22
C VAL A 19 6.18 2.31 -2.46
N ILE A 20 6.10 1.26 -1.66
CA ILE A 20 7.00 0.13 -1.79
C ILE A 20 6.93 -0.48 -3.19
N GLY A 21 5.72 -0.57 -3.73
CA GLY A 21 5.54 -1.12 -5.06
C GLY A 21 6.43 -0.44 -6.09
N SER A 22 6.50 0.88 -6.04
CA SER A 22 7.31 1.64 -6.97
C SER A 22 8.74 1.11 -7.02
N ILE A 23 9.26 0.73 -5.86
CA ILE A 23 10.62 0.20 -5.76
C ILE A 23 10.76 -1.10 -6.54
N TYR A 24 9.69 -1.90 -6.53
CA TYR A 24 9.69 -3.18 -7.23
C TYR A 24 10.10 -3.00 -8.69
N LEU A 25 9.55 -1.95 -9.31
CA LEU A 25 9.85 -1.66 -10.71
C LEU A 25 11.17 -0.90 -10.84
N PHE A 26 11.44 -0.02 -9.88
CA PHE A 26 12.67 0.77 -9.89
C PHE A 26 13.89 -0.12 -9.81
N LEU A 27 13.78 -1.21 -9.04
CA LEU A 27 14.88 -2.16 -8.87
C LEU A 27 15.30 -2.74 -10.22
N ARG A 28 14.31 -2.99 -11.08
CA ARG A 28 14.58 -3.54 -12.40
C ARG A 28 15.11 -2.48 -13.35
N LYS A 29 14.70 -1.24 -13.14
CA LYS A 29 15.13 -0.13 -13.97
C LYS A 29 16.62 0.14 -13.79
N ARG A 30 17.35 0.20 -14.89
CA ARG A 30 18.79 0.45 -14.85
C ARG A 30 19.47 -0.49 -13.86
N ASN A 1 -18.24 -2.85 15.21
CA ASN A 1 -17.97 -3.20 13.82
C ASN A 1 -18.37 -2.07 12.88
N ILE A 2 -17.45 -1.14 12.67
CA ILE A 2 -17.68 0.00 11.79
C ILE A 2 -16.84 -0.10 10.52
N ALA A 3 -17.37 0.47 9.43
CA ALA A 3 -16.66 0.44 8.15
C ALA A 3 -15.23 0.96 8.30
N LYS A 4 -15.08 2.04 9.07
CA LYS A 4 -13.77 2.63 9.28
C LYS A 4 -12.77 1.59 9.77
N ILE A 5 -13.26 0.66 10.59
CA ILE A 5 -12.40 -0.40 11.12
C ILE A 5 -11.65 -1.12 10.00
N ILE A 6 -12.32 -1.27 8.85
CA ILE A 6 -11.72 -1.94 7.71
C ILE A 6 -10.89 -0.97 6.89
N ILE A 7 -11.38 0.25 6.73
CA ILE A 7 -10.68 1.28 5.97
C ILE A 7 -9.30 1.55 6.56
N GLY A 8 -9.20 1.45 7.89
CA GLY A 8 -7.93 1.69 8.55
C GLY A 8 -6.80 0.89 7.94
N PRO A 9 -6.85 -0.44 8.10
CA PRO A 9 -5.82 -1.35 7.57
C PRO A 9 -5.86 -1.43 6.04
N LEU A 10 -7.04 -1.20 5.48
CA LEU A 10 -7.20 -1.25 4.02
C LEU A 10 -6.44 -0.11 3.35
N ILE A 11 -6.53 1.08 3.93
CA ILE A 11 -5.85 2.25 3.38
C ILE A 11 -4.36 2.23 3.72
N PHE A 12 -4.05 1.72 4.92
CA PHE A 12 -2.66 1.64 5.36
C PHE A 12 -1.87 0.66 4.50
N VAL A 13 -2.43 -0.53 4.29
CA VAL A 13 -1.77 -1.56 3.49
C VAL A 13 -1.75 -1.16 2.02
N PHE A 14 -2.84 -0.56 1.55
CA PHE A 14 -2.94 -0.13 0.16
C PHE A 14 -1.82 0.84 -0.19
N LEU A 15 -1.73 1.94 0.55
CA LEU A 15 -0.70 2.95 0.31
C LEU A 15 0.69 2.34 0.40
N PHE A 16 0.99 1.71 1.53
CA PHE A 16 2.28 1.08 1.75
C PHE A 16 2.60 0.09 0.63
N SER A 17 1.57 -0.60 0.15
CA SER A 17 1.74 -1.57 -0.93
C SER A 17 2.20 -0.89 -2.21
N VAL A 18 1.59 0.25 -2.53
CA VAL A 18 1.93 0.99 -3.73
C VAL A 18 3.30 1.65 -3.59
N VAL A 19 3.60 2.13 -2.39
CA VAL A 19 4.89 2.78 -2.12
C VAL A 19 6.05 1.83 -2.35
N ILE A 20 6.11 0.77 -1.54
CA ILE A 20 7.17 -0.22 -1.66
C ILE A 20 7.23 -0.81 -3.07
N GLY A 21 6.06 -1.13 -3.62
CA GLY A 21 6.00 -1.69 -4.95
C GLY A 21 6.75 -0.85 -5.96
N SER A 22 6.53 0.46 -5.91
CA SER A 22 7.17 1.37 -6.85
C SER A 22 8.69 1.21 -6.81
N ILE A 23 9.22 0.94 -5.62
CA ILE A 23 10.66 0.76 -5.45
C ILE A 23 11.14 -0.46 -6.22
N TYR A 24 10.32 -1.50 -6.27
CA TYR A 24 10.67 -2.72 -6.98
C TYR A 24 10.77 -2.47 -8.48
N LEU A 25 9.90 -1.60 -8.99
CA LEU A 25 9.89 -1.28 -10.41
C LEU A 25 11.02 -0.32 -10.76
N PHE A 26 11.33 0.60 -9.83
CA PHE A 26 12.39 1.57 -10.05
C PHE A 26 13.76 0.92 -9.89
N LEU A 27 13.85 -0.04 -8.98
CA LEU A 27 15.11 -0.74 -8.73
C LEU A 27 15.39 -1.75 -9.83
N ARG A 28 14.36 -2.47 -10.25
CA ARG A 28 14.49 -3.46 -11.31
C ARG A 28 14.70 -2.79 -12.67
N LYS A 29 14.14 -1.60 -12.83
CA LYS A 29 14.26 -0.87 -14.07
C LYS A 29 15.38 0.17 -13.99
N ARG A 30 16.53 -0.16 -14.56
CA ARG A 30 17.67 0.74 -14.55
C ARG A 30 17.74 1.55 -15.84
N ASN A 1 -16.92 -3.14 13.71
CA ASN A 1 -18.08 -2.36 14.11
C ASN A 1 -18.53 -1.42 12.99
N ILE A 2 -17.58 -0.63 12.48
CA ILE A 2 -17.88 0.30 11.41
C ILE A 2 -16.96 0.08 10.21
N ALA A 3 -17.45 0.38 9.02
CA ALA A 3 -16.66 0.22 7.81
C ALA A 3 -15.32 0.92 7.92
N LYS A 4 -15.33 2.14 8.45
CA LYS A 4 -14.11 2.92 8.61
C LYS A 4 -13.05 2.12 9.37
N ILE A 5 -13.50 1.33 10.34
CA ILE A 5 -12.60 0.51 11.14
C ILE A 5 -11.75 -0.39 10.25
N ILE A 6 -12.33 -0.87 9.16
CA ILE A 6 -11.63 -1.75 8.23
C ILE A 6 -10.83 -0.93 7.22
N ILE A 7 -11.36 0.21 6.82
CA ILE A 7 -10.70 1.08 5.87
C ILE A 7 -9.35 1.56 6.40
N GLY A 8 -9.27 1.73 7.72
CA GLY A 8 -8.03 2.18 8.34
C GLY A 8 -6.84 1.36 7.89
N PRO A 9 -6.81 0.08 8.30
CA PRO A 9 -5.72 -0.84 7.95
C PRO A 9 -5.71 -1.20 6.48
N LEU A 10 -6.89 -1.19 5.86
CA LEU A 10 -7.03 -1.52 4.44
C LEU A 10 -6.30 -0.48 3.58
N ILE A 11 -6.43 0.78 3.95
CA ILE A 11 -5.78 1.86 3.21
C ILE A 11 -4.32 1.99 3.60
N PHE A 12 -4.03 1.76 4.88
CA PHE A 12 -2.66 1.85 5.37
C PHE A 12 -1.78 0.79 4.74
N VAL A 13 -2.30 -0.43 4.64
CA VAL A 13 -1.56 -1.54 4.06
C VAL A 13 -1.50 -1.41 2.54
N PHE A 14 -2.65 -1.17 1.92
CA PHE A 14 -2.73 -1.04 0.48
C PHE A 14 -1.79 0.04 -0.02
N LEU A 15 -1.87 1.22 0.61
CA LEU A 15 -1.02 2.35 0.24
C LEU A 15 0.46 2.01 0.43
N PHE A 16 0.79 1.54 1.63
CA PHE A 16 2.18 1.18 1.94
C PHE A 16 2.71 0.15 0.96
N SER A 17 1.86 -0.81 0.60
CA SER A 17 2.24 -1.87 -0.33
C SER A 17 2.56 -1.28 -1.71
N VAL A 18 1.79 -0.28 -2.11
CA VAL A 18 1.99 0.37 -3.40
C VAL A 18 3.27 1.20 -3.41
N VAL A 19 3.41 2.08 -2.41
CA VAL A 19 4.58 2.92 -2.30
C VAL A 19 5.86 2.10 -2.31
N ILE A 20 6.01 1.23 -1.31
CA ILE A 20 7.19 0.37 -1.21
C ILE A 20 7.28 -0.58 -2.39
N GLY A 21 6.13 -1.06 -2.85
CA GLY A 21 6.10 -1.98 -3.96
C GLY A 21 6.65 -1.36 -5.24
N SER A 22 6.42 -0.07 -5.41
CA SER A 22 6.88 0.64 -6.60
C SER A 22 8.38 0.44 -6.80
N ILE A 23 9.11 0.43 -5.70
CA ILE A 23 10.56 0.24 -5.75
C ILE A 23 10.93 -1.06 -6.45
N TYR A 24 10.12 -2.09 -6.23
CA TYR A 24 10.35 -3.40 -6.84
C TYR A 24 10.49 -3.27 -8.35
N LEU A 25 9.61 -2.47 -8.96
CA LEU A 25 9.63 -2.27 -10.40
C LEU A 25 10.71 -1.26 -10.79
N PHE A 26 10.69 -0.11 -10.13
CA PHE A 26 11.67 0.94 -10.40
C PHE A 26 13.09 0.40 -10.36
N LEU A 27 13.29 -0.64 -9.54
CA LEU A 27 14.60 -1.26 -9.41
C LEU A 27 15.17 -1.65 -10.77
N ARG A 28 14.29 -2.06 -11.68
CA ARG A 28 14.70 -2.45 -13.02
C ARG A 28 15.20 -1.24 -13.81
N LYS A 29 14.66 -0.07 -13.50
CA LYS A 29 15.06 1.15 -14.18
C LYS A 29 16.56 1.42 -14.01
N ARG A 30 17.30 1.29 -15.10
CA ARG A 30 18.75 1.51 -15.06
C ARG A 30 19.06 2.99 -14.85
N ASN A 1 -18.29 -3.96 14.53
CA ASN A 1 -18.22 -4.19 13.09
C ASN A 1 -18.65 -2.96 12.31
N ILE A 2 -17.69 -2.20 11.82
CA ILE A 2 -17.97 -0.99 11.06
C ILE A 2 -17.03 -0.86 9.88
N ALA A 3 -17.50 -0.21 8.81
CA ALA A 3 -16.69 -0.01 7.62
C ALA A 3 -15.35 0.60 7.96
N LYS A 4 -15.36 1.63 8.79
CA LYS A 4 -14.14 2.31 9.21
C LYS A 4 -13.11 1.31 9.72
N ILE A 5 -13.59 0.26 10.39
CA ILE A 5 -12.71 -0.76 10.94
C ILE A 5 -11.90 -1.43 9.84
N ILE A 6 -12.51 -1.59 8.67
CA ILE A 6 -11.86 -2.21 7.53
C ILE A 6 -11.04 -1.19 6.74
N ILE A 7 -11.64 -0.02 6.51
CA ILE A 7 -10.96 1.04 5.77
C ILE A 7 -9.70 1.51 6.50
N GLY A 8 -9.74 1.45 7.83
CA GLY A 8 -8.60 1.87 8.61
C GLY A 8 -7.30 1.24 8.14
N PRO A 9 -7.18 -0.09 8.29
CA PRO A 9 -6.00 -0.84 7.89
C PRO A 9 -5.85 -0.91 6.37
N LEU A 10 -6.98 -0.84 5.67
CA LEU A 10 -6.97 -0.89 4.21
C LEU A 10 -6.19 0.28 3.62
N ILE A 11 -6.28 1.44 4.28
CA ILE A 11 -5.59 2.63 3.82
C ILE A 11 -4.09 2.54 4.14
N PHE A 12 -3.77 1.96 5.28
CA PHE A 12 -2.38 1.81 5.70
C PHE A 12 -1.64 0.83 4.80
N VAL A 13 -2.26 -0.32 4.54
CA VAL A 13 -1.66 -1.33 3.69
C VAL A 13 -1.61 -0.88 2.24
N PHE A 14 -2.61 -0.11 1.82
CA PHE A 14 -2.68 0.39 0.46
C PHE A 14 -1.51 1.31 0.15
N LEU A 15 -1.37 2.36 0.96
CA LEU A 15 -0.28 3.32 0.78
C LEU A 15 1.07 2.63 0.83
N PHE A 16 1.31 1.90 1.93
CA PHE A 16 2.57 1.20 2.10
C PHE A 16 2.86 0.28 0.92
N SER A 17 1.81 -0.32 0.37
CA SER A 17 1.93 -1.21 -0.78
C SER A 17 2.43 -0.46 -2.01
N VAL A 18 1.89 0.74 -2.21
CA VAL A 18 2.28 1.57 -3.34
C VAL A 18 3.69 2.12 -3.18
N VAL A 19 4.02 2.54 -1.97
CA VAL A 19 5.34 3.08 -1.68
C VAL A 19 6.43 2.04 -1.93
N ILE A 20 6.33 0.91 -1.23
CA ILE A 20 7.31 -0.17 -1.37
C ILE A 20 7.31 -0.71 -2.79
N GLY A 21 6.12 -0.79 -3.39
CA GLY A 21 6.01 -1.30 -4.75
C GLY A 21 6.80 -0.47 -5.75
N SER A 22 6.74 0.85 -5.59
CA SER A 22 7.45 1.75 -6.49
C SER A 22 8.92 1.36 -6.60
N ILE A 23 9.51 0.94 -5.48
CA ILE A 23 10.90 0.54 -5.45
C ILE A 23 11.14 -0.73 -6.28
N TYR A 24 10.15 -1.63 -6.25
CA TYR A 24 10.24 -2.88 -7.00
C TYR A 24 10.34 -2.61 -8.50
N LEU A 25 9.61 -1.62 -8.97
CA LEU A 25 9.62 -1.25 -10.38
C LEU A 25 10.90 -0.50 -10.75
N PHE A 26 11.29 0.44 -9.90
CA PHE A 26 12.49 1.23 -10.12
C PHE A 26 13.72 0.32 -10.23
N LEU A 27 13.87 -0.58 -9.27
CA LEU A 27 15.00 -1.51 -9.26
C LEU A 27 15.02 -2.36 -10.53
N ARG A 28 13.83 -2.76 -10.98
CA ARG A 28 13.71 -3.57 -12.18
C ARG A 28 14.09 -2.78 -13.43
N LYS A 29 13.86 -1.47 -13.38
CA LYS A 29 14.18 -0.60 -14.50
C LYS A 29 15.61 -0.09 -14.41
N ARG A 30 16.48 -0.64 -15.26
CA ARG A 30 17.89 -0.25 -15.27
C ARG A 30 18.14 0.84 -16.31
N ASN A 1 -19.03 -2.29 14.50
CA ASN A 1 -18.20 -2.61 13.35
C ASN A 1 -18.44 -1.64 12.21
N ILE A 2 -17.81 -0.47 12.30
CA ILE A 2 -17.96 0.56 11.27
C ILE A 2 -17.02 0.30 10.10
N ALA A 3 -17.42 0.73 8.91
CA ALA A 3 -16.61 0.55 7.72
C ALA A 3 -15.22 1.15 7.90
N LYS A 4 -15.16 2.32 8.52
CA LYS A 4 -13.89 3.01 8.76
C LYS A 4 -12.90 2.07 9.43
N ILE A 5 -13.39 1.22 10.33
CA ILE A 5 -12.54 0.28 11.04
C ILE A 5 -11.79 -0.63 10.07
N ILE A 6 -12.48 -1.03 9.00
CA ILE A 6 -11.87 -1.89 7.99
C ILE A 6 -11.01 -1.09 7.02
N ILE A 7 -11.48 0.09 6.65
CA ILE A 7 -10.76 0.95 5.73
C ILE A 7 -9.41 1.38 6.33
N GLY A 8 -9.37 1.51 7.65
CA GLY A 8 -8.14 1.91 8.30
C GLY A 8 -6.95 1.08 7.86
N PRO A 9 -6.97 -0.21 8.20
CA PRO A 9 -5.89 -1.14 7.83
C PRO A 9 -5.84 -1.43 6.33
N LEU A 10 -7.00 -1.35 5.69
CA LEU A 10 -7.10 -1.60 4.26
C LEU A 10 -6.31 -0.55 3.47
N ILE A 11 -6.43 0.71 3.88
CA ILE A 11 -5.73 1.80 3.21
C ILE A 11 -4.26 1.84 3.62
N PHE A 12 -4.00 1.51 4.89
CA PHE A 12 -2.63 1.50 5.40
C PHE A 12 -1.78 0.46 4.69
N VAL A 13 -2.34 -0.74 4.54
CA VAL A 13 -1.63 -1.84 3.88
C VAL A 13 -1.60 -1.64 2.38
N PHE A 14 -2.68 -1.07 1.84
CA PHE A 14 -2.77 -0.82 0.40
C PHE A 14 -1.79 0.27 -0.03
N LEU A 15 -1.88 1.42 0.62
CA LEU A 15 -1.01 2.55 0.30
C LEU A 15 0.46 2.18 0.52
N PHE A 16 0.75 1.58 1.66
CA PHE A 16 2.11 1.17 1.99
C PHE A 16 2.64 0.16 0.97
N SER A 17 1.79 -0.80 0.62
CA SER A 17 2.18 -1.84 -0.34
C SER A 17 2.64 -1.20 -1.65
N VAL A 18 1.88 -0.23 -2.13
CA VAL A 18 2.22 0.46 -3.38
C VAL A 18 3.50 1.27 -3.24
N VAL A 19 3.58 2.05 -2.16
CA VAL A 19 4.76 2.87 -1.90
C VAL A 19 6.03 2.03 -1.94
N ILE A 20 6.15 1.09 -1.01
CA ILE A 20 7.31 0.22 -0.95
C ILE A 20 7.47 -0.59 -2.23
N GLY A 21 6.34 -1.01 -2.79
CA GLY A 21 6.37 -1.79 -4.02
C GLY A 21 6.97 -1.02 -5.18
N SER A 22 6.73 0.28 -5.21
CA SER A 22 7.25 1.13 -6.28
C SER A 22 8.75 0.93 -6.46
N ILE A 23 9.45 0.74 -5.35
CA ILE A 23 10.89 0.53 -5.38
C ILE A 23 11.25 -0.70 -6.22
N TYR A 24 10.42 -1.72 -6.13
CA TYR A 24 10.65 -2.96 -6.87
C TYR A 24 10.71 -2.69 -8.38
N LEU A 25 9.80 -1.84 -8.86
CA LEU A 25 9.76 -1.50 -10.28
C LEU A 25 10.91 -0.58 -10.65
N PHE A 26 11.16 0.43 -9.82
CA PHE A 26 12.23 1.38 -10.06
C PHE A 26 13.57 0.65 -10.24
N LEU A 27 13.89 -0.21 -9.27
CA LEU A 27 15.15 -0.96 -9.32
C LEU A 27 15.28 -1.70 -10.65
N ARG A 28 14.16 -2.19 -11.16
CA ARG A 28 14.17 -2.91 -12.43
C ARG A 28 14.46 -1.97 -13.60
N LYS A 29 14.04 -0.72 -13.45
CA LYS A 29 14.26 0.28 -14.49
C LYS A 29 15.73 0.69 -14.56
N ARG A 30 16.32 0.52 -15.74
CA ARG A 30 17.72 0.87 -15.94
C ARG A 30 17.88 2.35 -16.29
N ASN A 1 -21.35 -2.10 12.61
CA ASN A 1 -20.93 -2.53 11.29
C ASN A 1 -20.54 -1.33 10.42
N ILE A 2 -19.29 -0.90 10.53
CA ILE A 2 -18.80 0.23 9.76
C ILE A 2 -17.68 -0.19 8.82
N ALA A 3 -17.56 0.51 7.69
CA ALA A 3 -16.52 0.21 6.71
C ALA A 3 -15.19 0.83 7.13
N LYS A 4 -15.25 2.04 7.68
CA LYS A 4 -14.05 2.75 8.11
C LYS A 4 -13.19 1.85 9.00
N ILE A 5 -13.84 0.98 9.76
CA ILE A 5 -13.14 0.06 10.65
C ILE A 5 -12.10 -0.76 9.89
N ILE A 6 -12.52 -1.33 8.76
CA ILE A 6 -11.63 -2.15 7.94
C ILE A 6 -10.82 -1.28 6.97
N ILE A 7 -11.44 -0.19 6.51
CA ILE A 7 -10.78 0.72 5.59
C ILE A 7 -9.57 1.38 6.25
N GLY A 8 -9.66 1.62 7.55
CA GLY A 8 -8.57 2.23 8.27
C GLY A 8 -7.23 1.56 8.00
N PRO A 9 -7.10 0.31 8.45
CA PRO A 9 -5.87 -0.48 8.26
C PRO A 9 -5.64 -0.87 6.81
N LEU A 10 -6.73 -0.99 6.06
CA LEU A 10 -6.66 -1.36 4.65
C LEU A 10 -5.86 -0.33 3.86
N ILE A 11 -6.00 0.94 4.25
CA ILE A 11 -5.29 2.03 3.58
C ILE A 11 -3.82 2.04 3.97
N PHE A 12 -3.54 1.79 5.24
CA PHE A 12 -2.18 1.78 5.74
C PHE A 12 -1.34 0.72 5.02
N VAL A 13 -1.91 -0.48 4.89
CA VAL A 13 -1.22 -1.57 4.22
C VAL A 13 -1.08 -1.31 2.73
N PHE A 14 -2.15 -0.83 2.11
CA PHE A 14 -2.14 -0.53 0.68
C PHE A 14 -1.09 0.53 0.36
N LEU A 15 -1.13 1.63 1.09
CA LEU A 15 -0.18 2.73 0.88
C LEU A 15 1.26 2.24 1.07
N PHE A 16 1.50 1.53 2.16
CA PHE A 16 2.83 1.00 2.44
C PHE A 16 3.29 0.04 1.35
N SER A 17 2.35 -0.76 0.84
CA SER A 17 2.66 -1.72 -0.21
C SER A 17 3.04 -1.01 -1.51
N VAL A 18 2.37 0.11 -1.79
CA VAL A 18 2.64 0.87 -2.99
C VAL A 18 3.98 1.60 -2.89
N VAL A 19 4.18 2.31 -1.79
CA VAL A 19 5.41 3.06 -1.57
C VAL A 19 6.63 2.14 -1.68
N ILE A 20 6.72 1.16 -0.77
CA ILE A 20 7.83 0.22 -0.77
C ILE A 20 7.85 -0.61 -2.05
N GLY A 21 6.66 -0.97 -2.53
CA GLY A 21 6.56 -1.76 -3.74
C GLY A 21 7.14 -1.05 -4.94
N SER A 22 7.01 0.26 -4.97
CA SER A 22 7.53 1.07 -6.08
C SER A 22 9.00 0.75 -6.33
N ILE A 23 9.75 0.53 -5.25
CA ILE A 23 11.17 0.21 -5.37
C ILE A 23 11.40 -1.03 -6.21
N TYR A 24 10.49 -2.01 -6.07
CA TYR A 24 10.60 -3.25 -6.82
C TYR A 24 10.43 -3.00 -8.32
N LEU A 25 9.52 -2.09 -8.66
CA LEU A 25 9.26 -1.76 -10.06
C LEU A 25 10.37 -0.88 -10.63
N PHE A 26 10.81 0.09 -9.84
CA PHE A 26 11.87 0.99 -10.26
C PHE A 26 13.19 0.25 -10.44
N LEU A 27 13.45 -0.70 -9.56
CA LEU A 27 14.67 -1.49 -9.63
C LEU A 27 14.81 -2.16 -11.00
N ARG A 28 13.70 -2.68 -11.51
CA ARG A 28 13.70 -3.34 -12.81
C ARG A 28 13.76 -2.33 -13.94
N LYS A 29 13.19 -1.14 -13.70
CA LYS A 29 13.19 -0.09 -14.70
C LYS A 29 14.50 0.69 -14.70
N ARG A 30 14.76 1.42 -15.77
CA ARG A 30 15.98 2.20 -15.89
C ARG A 30 15.70 3.56 -16.52
N ASN A 1 -16.50 -2.59 13.83
CA ASN A 1 -17.82 -2.01 14.08
C ASN A 1 -18.23 -1.09 12.94
N ILE A 2 -17.45 -0.04 12.72
CA ILE A 2 -17.73 0.92 11.66
C ILE A 2 -16.88 0.64 10.42
N ALA A 3 -17.41 0.97 9.25
CA ALA A 3 -16.69 0.76 8.00
C ALA A 3 -15.29 1.35 8.06
N LYS A 4 -15.18 2.54 8.62
CA LYS A 4 -13.89 3.22 8.75
C LYS A 4 -12.85 2.30 9.40
N ILE A 5 -13.28 1.57 10.42
CA ILE A 5 -12.39 0.65 11.12
C ILE A 5 -11.69 -0.29 10.14
N ILE A 6 -12.40 -0.68 9.10
CA ILE A 6 -11.86 -1.58 8.09
C ILE A 6 -10.97 -0.82 7.10
N ILE A 7 -11.41 0.38 6.73
CA ILE A 7 -10.67 1.20 5.80
C ILE A 7 -9.30 1.57 6.36
N GLY A 8 -9.22 1.71 7.68
CA GLY A 8 -7.97 2.06 8.32
C GLY A 8 -6.82 1.18 7.86
N PRO A 9 -6.88 -0.11 8.20
CA PRO A 9 -5.85 -1.09 7.84
C PRO A 9 -5.85 -1.39 6.34
N LEU A 10 -7.01 -1.26 5.71
CA LEU A 10 -7.15 -1.51 4.28
C LEU A 10 -6.33 -0.52 3.47
N ILE A 11 -6.39 0.76 3.87
CA ILE A 11 -5.66 1.81 3.18
C ILE A 11 -4.18 1.78 3.56
N PHE A 12 -3.90 1.44 4.81
CA PHE A 12 -2.52 1.38 5.29
C PHE A 12 -1.75 0.28 4.57
N VAL A 13 -2.35 -0.90 4.47
CA VAL A 13 -1.71 -2.03 3.81
C VAL A 13 -1.69 -1.84 2.30
N PHE A 14 -2.73 -1.22 1.77
CA PHE A 14 -2.84 -0.97 0.34
C PHE A 14 -1.83 0.08 -0.10
N LEU A 15 -1.83 1.22 0.56
CA LEU A 15 -0.91 2.32 0.24
C LEU A 15 0.54 1.85 0.35
N PHE A 16 0.89 1.27 1.50
CA PHE A 16 2.24 0.79 1.73
C PHE A 16 2.62 -0.27 0.70
N SER A 17 1.64 -1.10 0.32
CA SER A 17 1.88 -2.15 -0.67
C SER A 17 2.26 -1.56 -2.01
N VAL A 18 1.56 -0.51 -2.42
CA VAL A 18 1.82 0.14 -3.69
C VAL A 18 3.16 0.89 -3.66
N VAL A 19 3.45 1.52 -2.54
CA VAL A 19 4.70 2.26 -2.38
C VAL A 19 5.90 1.34 -2.49
N ILE A 20 5.97 0.35 -1.60
CA ILE A 20 7.07 -0.60 -1.59
C ILE A 20 7.25 -1.25 -2.96
N GLY A 21 6.14 -1.75 -3.51
CA GLY A 21 6.20 -2.38 -4.82
C GLY A 21 6.86 -1.51 -5.87
N SER A 22 6.44 -0.26 -5.95
CA SER A 22 6.99 0.68 -6.91
C SER A 22 8.52 0.73 -6.81
N ILE A 23 9.02 0.61 -5.60
CA ILE A 23 10.46 0.64 -5.36
C ILE A 23 11.14 -0.57 -6.00
N TYR A 24 10.46 -1.71 -5.98
CA TYR A 24 11.00 -2.94 -6.56
C TYR A 24 11.18 -2.79 -8.07
N LEU A 25 10.19 -2.20 -8.73
CA LEU A 25 10.24 -2.01 -10.16
C LEU A 25 11.20 -0.88 -10.53
N PHE A 26 11.20 0.18 -9.73
CA PHE A 26 12.07 1.33 -9.96
C PHE A 26 13.53 0.94 -9.74
N LEU A 27 13.78 0.11 -8.73
CA LEU A 27 15.12 -0.34 -8.41
C LEU A 27 15.81 -0.92 -9.64
N ARG A 28 15.06 -1.68 -10.43
CA ARG A 28 15.59 -2.31 -11.63
C ARG A 28 15.43 -1.39 -12.83
N LYS A 29 14.38 -0.57 -12.80
CA LYS A 29 14.11 0.37 -13.90
C LYS A 29 15.27 1.35 -14.06
N ARG A 30 15.72 1.52 -15.30
CA ARG A 30 16.82 2.44 -15.60
C ARG A 30 16.76 2.91 -17.05
N ASN A 1 -20.40 -1.25 14.44
CA ASN A 1 -19.25 -1.40 13.56
C ASN A 1 -19.16 -0.24 12.58
N ILE A 2 -17.95 0.25 12.35
CA ILE A 2 -17.72 1.35 11.43
C ILE A 2 -16.81 0.95 10.28
N ALA A 3 -16.99 1.58 9.13
CA ALA A 3 -16.18 1.28 7.95
C ALA A 3 -14.71 1.51 8.23
N LYS A 4 -14.41 2.62 8.92
CA LYS A 4 -13.03 2.95 9.25
C LYS A 4 -12.32 1.77 9.92
N ILE A 5 -13.10 0.93 10.60
CA ILE A 5 -12.55 -0.23 11.29
C ILE A 5 -11.76 -1.11 10.32
N ILE A 6 -12.38 -1.40 9.18
CA ILE A 6 -11.74 -2.24 8.16
C ILE A 6 -10.93 -1.39 7.18
N ILE A 7 -11.45 -0.21 6.87
CA ILE A 7 -10.78 0.70 5.95
C ILE A 7 -9.41 1.12 6.49
N GLY A 8 -9.30 1.20 7.81
CA GLY A 8 -8.05 1.60 8.42
C GLY A 8 -6.87 0.81 7.89
N PRO A 9 -6.85 -0.51 8.20
CA PRO A 9 -5.77 -1.41 7.76
C PRO A 9 -5.80 -1.66 6.26
N LEU A 10 -6.99 -1.59 5.69
CA LEU A 10 -7.16 -1.80 4.25
C LEU A 10 -6.45 -0.72 3.44
N ILE A 11 -6.57 0.52 3.90
CA ILE A 11 -5.94 1.64 3.23
C ILE A 11 -4.46 1.75 3.60
N PHE A 12 -4.15 1.42 4.84
CA PHE A 12 -2.77 1.48 5.32
C PHE A 12 -1.89 0.46 4.59
N VAL A 13 -2.43 -0.74 4.40
CA VAL A 13 -1.69 -1.79 3.70
C VAL A 13 -1.67 -1.55 2.20
N PHE A 14 -2.84 -1.27 1.64
CA PHE A 14 -2.94 -1.01 0.20
C PHE A 14 -2.01 0.11 -0.22
N LEU A 15 -2.05 1.21 0.53
CA LEU A 15 -1.20 2.36 0.22
C LEU A 15 0.27 2.01 0.36
N PHE A 16 0.63 1.44 1.51
CA PHE A 16 2.01 1.05 1.76
C PHE A 16 2.53 0.10 0.69
N SER A 17 1.66 -0.81 0.25
CA SER A 17 2.02 -1.77 -0.78
C SER A 17 2.35 -1.08 -2.09
N VAL A 18 1.53 -0.10 -2.46
CA VAL A 18 1.73 0.63 -3.70
C VAL A 18 3.04 1.41 -3.66
N VAL A 19 3.22 2.22 -2.63
CA VAL A 19 4.43 3.02 -2.47
C VAL A 19 5.67 2.14 -2.55
N ILE A 20 5.81 1.24 -1.60
CA ILE A 20 6.95 0.34 -1.55
C ILE A 20 7.08 -0.45 -2.85
N GLY A 21 5.94 -0.85 -3.41
CA GLY A 21 5.94 -1.60 -4.65
C GLY A 21 6.70 -0.90 -5.75
N SER A 22 6.43 0.39 -5.92
CA SER A 22 7.09 1.17 -6.96
C SER A 22 8.61 1.05 -6.85
N ILE A 23 9.11 1.06 -5.63
CA ILE A 23 10.54 0.94 -5.38
C ILE A 23 11.13 -0.26 -6.12
N TYR A 24 10.36 -1.35 -6.16
CA TYR A 24 10.81 -2.57 -6.83
C TYR A 24 10.97 -2.33 -8.33
N LEU A 25 9.92 -1.81 -8.96
CA LEU A 25 9.96 -1.54 -10.39
C LEU A 25 11.09 -0.58 -10.74
N PHE A 26 11.18 0.52 -10.00
CA PHE A 26 12.21 1.51 -10.24
C PHE A 26 13.60 0.88 -10.14
N LEU A 27 13.87 0.22 -9.02
CA LEU A 27 15.16 -0.43 -8.81
C LEU A 27 15.46 -1.42 -9.92
N ARG A 28 14.43 -2.12 -10.39
CA ARG A 28 14.59 -3.10 -11.46
C ARG A 28 14.91 -2.41 -12.78
N LYS A 29 14.42 -1.19 -12.95
CA LYS A 29 14.66 -0.42 -14.16
C LYS A 29 16.02 0.25 -14.13
N ARG A 30 16.79 0.09 -15.20
CA ARG A 30 18.11 0.68 -15.28
C ARG A 30 18.07 2.18 -15.00
#